data_2C4B
#
_entry.id   2C4B
#
_cell.length_a   74.020
_cell.length_b   217.710
_cell.length_c   58.340
_cell.angle_alpha   90.00
_cell.angle_beta   90.00
_cell.angle_gamma   90.00
#
_symmetry.space_group_name_H-M   'C 2 2 21'
#
loop_
_entity.id
_entity.type
_entity.pdbx_description
1 polymer 'BARNASE MCOEETI FUSION'
2 non-polymer 'NONAETHYLENE GLYCOL'
3 non-polymer GLYCEROL
4 non-polymer 1,2-ETHANEDIOL
5 non-polymer 'FORMIC ACID'
6 non-polymer 'SULFATE ION'
7 non-polymer 'UNKNOWN ATOM OR ION'
8 non-polymer '2-(N-MORPHOLINO)-ETHANESULFONIC ACID'
9 water water
#
_entity_poly.entity_id   1
_entity_poly.type   'polypeptide(L)'
_entity_poly.pdbx_seq_one_letter_code
;QVINTFDGVADYLQTYHKLPDNYITKSEAQALGWVASKGNLADVAPGKSIGGDIFSNREGKLPGKSGRTWREADINYTSG
FRNSDRILYSSDWLIYKTTDAYQTFTKIRSSSMGVCPKILKKCRRDSDCLAGCVCGPNGFCGS
;
_entity_poly.pdbx_strand_id   A,B
#
loop_
_chem_comp.id
_chem_comp.type
_chem_comp.name
_chem_comp.formula
2PE non-polymer 'NONAETHYLENE GLYCOL' 'C18 H38 O10'
EDO non-polymer 1,2-ETHANEDIOL 'C2 H6 O2'
FMT non-polymer 'FORMIC ACID' 'C H2 O2'
GOL non-polymer GLYCEROL 'C3 H8 O3'
MES non-polymer '2-(N-MORPHOLINO)-ETHANESULFONIC ACID' 'C6 H13 N O4 S'
SO4 non-polymer 'SULFATE ION' 'O4 S -2'
UNX non-polymer 'UNKNOWN ATOM OR ION' ?
#
# COMPACT_ATOMS: atom_id res chain seq x y z
N VAL A 2 -10.05 19.50 20.07
CA VAL A 2 -9.81 20.28 18.84
C VAL A 2 -8.32 20.39 18.52
N ILE A 3 -8.01 19.97 17.33
CA ILE A 3 -6.66 20.16 16.81
C ILE A 3 -6.74 21.28 15.83
N ASN A 4 -6.21 22.47 16.22
CA ASN A 4 -6.32 23.64 15.33
C ASN A 4 -5.11 24.52 15.43
N THR A 5 -3.97 24.00 15.88
CA THR A 5 -2.71 24.74 15.88
C THR A 5 -1.91 24.40 14.66
N PHE A 6 -0.94 25.25 14.32
CA PHE A 6 -0.11 25.01 13.15
C PHE A 6 0.57 23.65 13.27
N ASP A 7 1.18 23.38 14.42
CA ASP A 7 1.93 22.12 14.53
C ASP A 7 1.02 20.94 14.70
N GLY A 8 -0.10 21.11 15.41
CA GLY A 8 -1.02 20.00 15.58
C GLY A 8 -1.62 19.56 14.24
N VAL A 9 -2.07 20.52 13.44
CA VAL A 9 -2.64 20.18 12.17
C VAL A 9 -1.62 19.71 11.19
N ALA A 10 -0.42 20.28 11.20
CA ALA A 10 0.69 19.83 10.31
C ALA A 10 1.01 18.37 10.57
N ASP A 11 1.10 18.02 11.88
CA ASP A 11 1.47 16.65 12.22
C ASP A 11 0.30 15.71 11.87
N TYR A 12 -0.93 16.13 12.11
CA TYR A 12 -2.08 15.30 11.77
C TYR A 12 -2.17 15.07 10.27
N LEU A 13 -2.03 16.13 9.47
CA LEU A 13 -2.00 15.99 8.03
C LEU A 13 -0.93 15.01 7.59
N GLN A 14 0.29 15.20 8.07
CA GLN A 14 1.38 14.36 7.58
C GLN A 14 1.19 12.92 8.02
N THR A 15 0.56 12.68 9.16
CA THR A 15 0.33 11.30 9.61
C THR A 15 -0.82 10.64 8.85
N TYR A 16 -1.97 11.31 8.79
CA TYR A 16 -3.22 10.73 8.33
C TYR A 16 -3.66 11.10 6.93
N HIS A 17 -3.03 12.11 6.33
CA HIS A 17 -3.35 12.58 4.98
C HIS A 17 -4.79 13.09 4.89
N LYS A 18 -5.26 13.66 5.99
CA LYS A 18 -6.55 14.33 6.05
C LYS A 18 -6.53 15.30 7.20
N LEU A 19 -7.44 16.27 7.17
CA LEU A 19 -7.64 17.15 8.32
C LEU A 19 -8.33 16.46 9.46
N PRO A 20 -8.06 16.96 10.66
CA PRO A 20 -8.78 16.44 11.77
C PRO A 20 -10.29 16.74 11.68
N ASP A 21 -11.07 16.10 12.57
N ASP A 21 -11.08 16.07 12.54
CA ASP A 21 -12.53 16.02 12.47
CA ASP A 21 -12.55 16.04 12.42
C ASP A 21 -13.20 17.32 12.86
C ASP A 21 -13.23 17.27 13.05
N ASN A 22 -12.46 18.34 13.21
CA ASN A 22 -13.00 19.68 13.46
C ASN A 22 -13.05 20.59 12.28
N TYR A 23 -12.63 20.12 11.11
CA TYR A 23 -12.70 20.88 9.86
C TYR A 23 -13.86 20.50 8.94
N ILE A 24 -14.38 21.56 8.32
CA ILE A 24 -15.41 21.51 7.30
C ILE A 24 -15.02 22.43 6.17
N THR A 25 -15.34 22.04 4.94
CA THR A 25 -15.01 22.85 3.78
C THR A 25 -15.91 24.10 3.77
N LYS A 26 -15.54 25.09 3.00
CA LYS A 26 -16.37 26.29 2.87
CA LYS A 26 -16.36 26.28 2.84
C LYS A 26 -17.77 25.90 2.38
N SER A 27 -17.91 25.08 1.35
CA SER A 27 -19.26 24.73 0.88
C SER A 27 -20.05 23.94 1.93
N GLU A 28 -19.40 23.03 2.65
CA GLU A 28 -20.08 22.37 3.77
CA GLU A 28 -20.06 22.37 3.79
CA GLU A 28 -20.06 22.34 3.76
C GLU A 28 -20.55 23.33 4.82
N ALA A 29 -19.67 24.28 5.15
CA ALA A 29 -20.02 25.31 6.14
C ALA A 29 -21.17 26.15 5.62
N GLN A 30 -21.16 26.54 4.35
CA GLN A 30 -22.28 27.29 3.80
C GLN A 30 -23.60 26.50 3.87
N ALA A 31 -23.50 25.23 3.50
CA ALA A 31 -24.68 24.35 3.63
C ALA A 31 -25.28 24.24 5.03
N LEU A 32 -24.36 24.23 5.99
CA LEU A 32 -24.73 24.11 7.38
C LEU A 32 -25.22 25.43 7.95
N GLY A 33 -25.22 26.49 7.15
CA GLY A 33 -25.76 27.78 7.60
C GLY A 33 -24.87 28.96 7.66
N TRP A 34 -23.56 28.73 7.39
CA TRP A 34 -22.54 29.77 7.52
C TRP A 34 -22.72 30.79 6.42
N VAL A 35 -22.66 32.04 6.82
CA VAL A 35 -22.72 33.13 5.89
C VAL A 35 -21.54 34.02 6.23
N ALA A 36 -20.62 34.17 5.28
CA ALA A 36 -19.37 34.80 5.65
C ALA A 36 -19.55 36.15 6.31
N SER A 37 -20.43 36.96 5.73
CA SER A 37 -20.64 38.34 6.24
C SER A 37 -21.36 38.44 7.61
N LYS A 38 -21.96 37.33 8.08
CA LYS A 38 -22.49 37.27 9.42
C LYS A 38 -21.49 36.91 10.54
N GLY A 39 -20.34 36.33 10.21
CA GLY A 39 -19.38 35.91 11.26
C GLY A 39 -19.93 34.80 12.15
N ASN A 40 -20.75 33.95 11.54
CA ASN A 40 -21.57 32.99 12.26
C ASN A 40 -21.10 31.54 12.26
N LEU A 41 -19.86 31.29 11.87
CA LEU A 41 -19.42 29.88 11.67
C LEU A 41 -19.60 29.10 12.95
N ALA A 42 -19.15 29.63 14.09
CA ALA A 42 -19.19 28.85 15.33
C ALA A 42 -20.61 28.74 15.91
N ASP A 43 -21.52 29.57 15.42
CA ASP A 43 -22.91 29.47 15.87
C ASP A 43 -23.58 28.30 15.18
N VAL A 44 -23.34 28.20 13.87
CA VAL A 44 -23.97 27.11 13.11
C VAL A 44 -23.20 25.79 13.22
N ALA A 45 -21.90 25.90 13.47
CA ALA A 45 -21.06 24.70 13.55
C ALA A 45 -20.07 24.78 14.72
N PRO A 46 -20.59 24.64 15.94
CA PRO A 46 -19.77 24.76 17.08
C PRO A 46 -18.53 23.91 17.03
N GLY A 47 -17.41 24.51 17.38
CA GLY A 47 -16.14 23.77 17.39
C GLY A 47 -15.49 23.48 16.05
N LYS A 48 -16.09 23.92 14.97
CA LYS A 48 -15.54 23.69 13.64
C LYS A 48 -14.79 24.90 13.12
N SER A 49 -13.90 24.58 12.17
CA SER A 49 -13.13 25.55 11.42
C SER A 49 -13.24 25.21 9.94
N ILE A 50 -13.13 26.24 9.08
CA ILE A 50 -13.06 26.01 7.64
CA ILE A 50 -13.08 26.01 7.65
C ILE A 50 -11.73 25.41 7.29
N GLY A 51 -11.76 24.39 6.45
CA GLY A 51 -10.56 23.82 5.90
C GLY A 51 -10.80 22.74 4.86
N GLY A 52 -9.81 22.54 4.00
CA GLY A 52 -9.83 21.48 3.06
C GLY A 52 -9.96 21.85 1.64
N ASP A 53 -10.19 23.15 1.40
CA ASP A 53 -10.40 23.63 0.02
C ASP A 53 -9.11 23.82 -0.73
N ILE A 54 -9.21 23.69 -2.04
CA ILE A 54 -8.09 24.02 -2.94
C ILE A 54 -7.70 25.48 -2.75
N PHE A 55 -6.40 25.70 -2.68
CA PHE A 55 -5.76 26.99 -2.72
C PHE A 55 -5.09 27.16 -4.07
N SER A 56 -5.48 28.19 -4.80
CA SER A 56 -5.10 28.25 -6.19
C SER A 56 -3.67 28.67 -6.34
N ASN A 57 -3.09 29.32 -5.36
CA ASN A 57 -1.66 29.74 -5.43
C ASN A 57 -1.40 30.63 -6.64
N ARG A 58 -2.38 31.50 -6.92
CA ARG A 58 -2.30 32.39 -8.06
C ARG A 58 -1.05 33.28 -8.12
N GLU A 59 -0.58 33.74 -6.97
CA GLU A 59 0.57 34.64 -6.92
C GLU A 59 1.88 33.87 -7.03
N GLY A 60 1.83 32.53 -6.98
CA GLY A 60 3.06 31.73 -7.12
C GLY A 60 4.00 31.82 -5.92
N LYS A 61 3.49 32.18 -4.75
CA LYS A 61 4.31 32.32 -3.59
C LYS A 61 4.68 30.99 -2.93
N LEU A 62 3.85 29.99 -3.14
CA LEU A 62 4.26 28.63 -2.77
C LEU A 62 4.88 27.92 -3.97
N PRO A 63 5.82 27.00 -3.72
CA PRO A 63 6.48 26.34 -4.80
C PRO A 63 5.55 25.46 -5.61
N GLY A 64 5.64 25.59 -6.92
CA GLY A 64 4.87 24.77 -7.86
C GLY A 64 5.67 23.61 -8.42
N LYS A 65 4.98 22.57 -8.89
CA LYS A 65 5.64 21.41 -9.48
C LYS A 65 4.56 20.79 -10.31
N SER A 66 4.94 20.17 -11.43
CA SER A 66 3.96 19.48 -12.23
C SER A 66 3.22 18.45 -11.37
N GLY A 67 1.89 18.48 -11.40
CA GLY A 67 1.00 17.55 -10.67
C GLY A 67 0.75 17.94 -9.24
N ARG A 68 1.40 19.00 -8.79
CA ARG A 68 1.21 19.44 -7.41
C ARG A 68 0.07 20.42 -7.25
N THR A 69 -0.82 20.12 -6.31
CA THR A 69 -1.85 21.04 -5.92
C THR A 69 -1.74 21.35 -4.45
N TRP A 70 -2.38 22.43 -4.06
CA TRP A 70 -2.38 22.94 -2.71
C TRP A 70 -3.77 23.09 -2.16
N ARG A 71 -3.88 22.80 -0.86
CA ARG A 71 -5.08 22.99 -0.09
C ARG A 71 -4.75 23.82 1.14
N GLU A 72 -5.79 24.37 1.74
CA GLU A 72 -5.70 25.23 2.93
C GLU A 72 -6.62 24.86 4.02
N ALA A 73 -6.33 25.31 5.22
CA ALA A 73 -7.19 25.20 6.39
C ALA A 73 -6.94 26.33 7.35
N ASP A 74 -7.99 26.77 8.01
CA ASP A 74 -7.92 27.81 9.02
C ASP A 74 -7.28 27.29 10.29
N ILE A 75 -6.38 28.13 10.84
CA ILE A 75 -5.69 27.77 12.07
C ILE A 75 -6.04 28.79 13.15
N ASN A 76 -6.06 28.32 14.40
CA ASN A 76 -6.29 29.14 15.61
C ASN A 76 -7.71 29.75 15.60
N TYR A 77 -8.65 29.23 14.81
CA TYR A 77 -10.04 29.70 14.82
C TYR A 77 -10.79 29.12 15.96
N THR A 78 -11.53 30.00 16.65
CA THR A 78 -12.46 29.52 17.65
C THR A 78 -13.90 29.99 17.39
N SER A 79 -14.08 31.29 17.20
CA SER A 79 -15.41 31.84 16.91
C SER A 79 -15.30 33.24 16.31
N GLY A 80 -16.40 33.72 15.77
CA GLY A 80 -16.50 35.00 15.12
C GLY A 80 -16.05 34.99 13.69
N PHE A 81 -15.63 36.13 13.18
CA PHE A 81 -15.12 36.17 11.81
C PHE A 81 -13.83 35.35 11.73
N ARG A 82 -13.50 34.93 10.51
CA ARG A 82 -12.27 34.18 10.31
C ARG A 82 -11.10 35.10 10.54
N ASN A 83 -10.00 34.49 10.98
CA ASN A 83 -8.74 35.19 11.23
C ASN A 83 -7.84 35.13 10.04
N SER A 84 -6.57 35.46 10.26
CA SER A 84 -5.63 35.53 9.18
C SER A 84 -4.63 34.37 9.07
N ASP A 85 -4.86 33.36 9.87
CA ASP A 85 -3.94 32.23 9.95
C ASP A 85 -4.38 31.02 9.15
N ARG A 86 -3.53 30.48 8.33
CA ARG A 86 -3.89 29.33 7.50
C ARG A 86 -2.73 28.42 7.39
N ILE A 87 -3.00 27.13 7.40
CA ILE A 87 -2.05 26.11 6.98
C ILE A 87 -2.26 25.73 5.54
N LEU A 88 -1.15 25.56 4.81
CA LEU A 88 -1.17 25.18 3.43
C LEU A 88 -0.45 23.85 3.27
N TYR A 89 -1.10 22.95 2.54
CA TYR A 89 -0.53 21.61 2.38
C TYR A 89 -0.68 21.14 0.95
N SER A 90 0.39 20.56 0.42
CA SER A 90 0.42 20.16 -0.96
C SER A 90 0.08 18.69 -1.11
N SER A 91 -0.17 18.30 -2.34
CA SER A 91 -0.51 16.92 -2.67
C SER A 91 0.66 15.97 -2.45
N ASP A 92 1.88 16.52 -2.39
CA ASP A 92 3.07 15.82 -1.96
C ASP A 92 3.52 16.10 -0.54
N TRP A 93 2.66 16.70 0.25
CA TRP A 93 2.71 16.74 1.69
C TRP A 93 3.83 17.70 2.21
N LEU A 94 4.14 18.73 1.44
CA LEU A 94 4.79 19.91 2.02
C LEU A 94 3.77 20.67 2.86
N ILE A 95 4.26 21.32 3.89
CA ILE A 95 3.43 22.10 4.81
C ILE A 95 4.00 23.50 4.96
N TYR A 96 3.17 24.50 4.69
CA TYR A 96 3.48 25.91 4.90
C TYR A 96 2.41 26.55 5.77
N LYS A 97 2.73 27.78 6.23
CA LYS A 97 1.78 28.55 6.99
C LYS A 97 1.74 29.98 6.52
N THR A 98 0.66 30.68 6.78
CA THR A 98 0.55 32.10 6.66
C THR A 98 -0.12 32.62 7.91
N THR A 99 0.32 33.80 8.38
CA THR A 99 -0.32 34.45 9.52
C THR A 99 -0.79 35.86 9.08
N ASP A 100 -0.77 36.12 7.76
CA ASP A 100 -1.16 37.44 7.24
C ASP A 100 -2.07 37.27 6.03
N ALA A 101 -2.94 36.26 6.08
CA ALA A 101 -3.98 36.19 5.06
C ALA A 101 -3.42 36.05 3.65
N TYR A 102 -2.41 35.16 3.50
CA TYR A 102 -1.92 34.68 2.21
C TYR A 102 -0.95 35.67 1.57
N GLN A 103 -0.57 36.69 2.32
CA GLN A 103 0.44 37.63 1.81
C GLN A 103 1.86 37.10 1.77
N THR A 104 2.22 36.42 2.84
CA THR A 104 3.49 35.72 2.94
C THR A 104 3.35 34.34 3.56
N PHE A 105 4.32 33.47 3.29
CA PHE A 105 4.25 32.07 3.75
C PHE A 105 5.61 31.67 4.28
N THR A 106 5.53 30.74 5.25
CA THR A 106 6.70 30.13 5.86
C THR A 106 6.56 28.61 5.76
N LYS A 107 7.62 27.97 5.27
CA LYS A 107 7.68 26.51 5.24
C LYS A 107 7.81 25.97 6.64
N ILE A 108 6.94 25.06 7.04
CA ILE A 108 7.01 24.44 8.34
C ILE A 108 7.20 22.94 8.39
N ARG A 109 7.08 22.27 7.22
CA ARG A 109 7.48 20.84 7.15
C ARG A 109 7.98 20.54 5.74
N SER A 110 9.09 19.79 5.64
CA SER A 110 9.40 19.07 4.46
CA SER A 110 9.37 19.11 4.39
C SER A 110 8.38 17.97 4.19
N SER A 111 8.40 17.39 3.00
CA SER A 111 7.48 16.29 2.68
C SER A 111 7.72 15.14 3.65
N SER A 112 6.61 14.57 4.13
CA SER A 112 6.62 13.38 4.93
C SER A 112 6.42 12.10 4.12
N MET A 113 6.34 12.21 2.82
CA MET A 113 6.18 10.98 2.00
C MET A 113 7.33 10.07 2.25
N GLY A 114 7.04 8.77 2.47
CA GLY A 114 8.05 7.79 2.73
C GLY A 114 8.37 7.53 4.18
N VAL A 115 7.91 8.40 5.07
CA VAL A 115 8.09 8.24 6.51
C VAL A 115 6.90 7.54 7.09
N CYS A 116 7.16 6.48 7.82
CA CYS A 116 6.11 5.72 8.49
C CYS A 116 5.93 6.24 9.91
N PRO A 117 4.74 6.73 10.26
CA PRO A 117 4.48 7.15 11.65
C PRO A 117 4.65 6.01 12.64
N LYS A 118 5.08 6.36 13.85
CA LYS A 118 5.24 5.40 14.93
C LYS A 118 3.86 5.15 15.58
N ILE A 119 3.07 4.30 14.91
CA ILE A 119 1.70 3.93 15.25
C ILE A 119 1.60 2.45 15.01
N LEU A 120 1.12 1.75 16.02
CA LEU A 120 0.86 0.33 15.96
CA LEU A 120 0.85 0.31 15.95
C LEU A 120 -0.42 0.07 15.18
N LYS A 121 -0.32 -0.75 14.12
CA LYS A 121 -1.47 -1.02 13.24
C LYS A 121 -1.27 -2.38 12.60
N LYS A 122 -2.32 -3.18 12.66
CA LYS A 122 -2.32 -4.49 12.03
C LYS A 122 -2.59 -4.33 10.57
N CYS A 123 -2.12 -5.32 9.82
CA CYS A 123 -2.25 -5.26 8.35
C CYS A 123 -2.14 -6.64 7.72
N ARG A 124 -2.74 -6.77 6.55
CA ARG A 124 -2.40 -7.85 5.63
C ARG A 124 -1.69 -7.42 4.39
N ARG A 125 -1.80 -6.15 4.03
CA ARG A 125 -1.11 -5.59 2.85
C ARG A 125 -0.83 -4.13 3.16
N ASP A 126 0.00 -3.57 2.30
CA ASP A 126 0.51 -2.23 2.57
C ASP A 126 -0.59 -1.18 2.64
N SER A 127 -1.68 -1.33 1.89
CA SER A 127 -2.76 -0.33 1.89
C SER A 127 -3.57 -0.32 3.16
N ASP A 128 -3.34 -1.30 4.04
CA ASP A 128 -3.91 -1.28 5.39
C ASP A 128 -3.14 -0.34 6.34
N CYS A 129 -1.97 0.12 5.88
CA CYS A 129 -1.07 0.96 6.69
C CYS A 129 -1.11 2.39 6.27
N LEU A 130 -0.68 3.24 7.17
CA LEU A 130 -0.56 4.64 6.88
C LEU A 130 0.46 4.92 5.77
N ALA A 131 0.38 6.11 5.17
CA ALA A 131 1.34 6.48 4.18
C ALA A 131 2.75 6.41 4.68
N GLY A 132 3.65 5.84 3.88
CA GLY A 132 5.02 5.70 4.29
C GLY A 132 5.35 4.36 4.88
N CYS A 133 4.31 3.59 5.19
CA CYS A 133 4.42 2.35 5.86
C CYS A 133 4.11 1.18 4.95
N VAL A 134 4.74 0.03 5.27
CA VAL A 134 4.49 -1.20 4.58
C VAL A 134 4.10 -2.30 5.59
N CYS A 135 3.43 -3.36 5.11
CA CYS A 135 3.06 -4.46 5.95
C CYS A 135 4.22 -5.42 6.04
N GLY A 136 4.56 -5.77 7.27
CA GLY A 136 5.65 -6.73 7.56
C GLY A 136 5.13 -8.13 7.77
N PRO A 137 6.05 -9.05 8.01
CA PRO A 137 5.74 -10.51 8.07
C PRO A 137 4.99 -10.98 9.30
N ASN A 138 4.80 -10.09 10.31
CA ASN A 138 4.03 -10.43 11.47
C ASN A 138 2.70 -9.70 11.46
N GLY A 139 2.34 -9.09 10.35
CA GLY A 139 0.99 -8.54 10.33
C GLY A 139 0.89 -7.20 11.02
N PHE A 140 2.00 -6.51 11.17
CA PHE A 140 2.05 -5.08 11.60
C PHE A 140 2.79 -4.21 10.59
N CYS A 141 2.32 -2.98 10.58
CA CYS A 141 2.86 -1.96 9.72
C CYS A 141 4.20 -1.42 10.25
N GLY A 142 5.08 -1.02 9.35
CA GLY A 142 6.32 -0.40 9.74
C GLY A 142 6.98 0.26 8.57
N SER A 143 8.18 0.81 8.86
CA SER A 143 8.93 1.35 7.81
C SER A 143 9.31 0.40 6.71
N VAL B 2 8.28 -18.45 -20.33
CA VAL B 2 8.01 -19.31 -19.12
C VAL B 2 9.02 -19.07 -18.04
N ILE B 3 8.49 -18.83 -16.86
CA ILE B 3 9.29 -18.77 -15.65
C ILE B 3 8.92 -20.00 -14.85
N ASN B 4 9.83 -20.97 -14.72
CA ASN B 4 9.47 -22.23 -14.06
C ASN B 4 10.68 -22.84 -13.31
N THR B 5 11.71 -22.06 -13.03
CA THR B 5 12.87 -22.50 -12.26
C THR B 5 12.67 -22.14 -10.78
N PHE B 6 13.38 -22.83 -9.90
CA PHE B 6 13.24 -22.48 -8.50
C PHE B 6 13.53 -21.01 -8.25
N ASP B 7 14.66 -20.54 -8.74
CA ASP B 7 15.06 -19.15 -8.50
C ASP B 7 14.18 -18.15 -9.25
N GLY B 8 13.78 -18.49 -10.46
CA GLY B 8 12.95 -17.56 -11.20
C GLY B 8 11.61 -17.39 -10.57
N VAL B 9 11.00 -18.48 -10.17
CA VAL B 9 9.70 -18.40 -9.53
C VAL B 9 9.82 -17.78 -8.12
N ALA B 10 10.87 -18.12 -7.37
CA ALA B 10 11.03 -17.51 -6.06
C ALA B 10 11.12 -15.98 -6.21
N ASP B 11 11.91 -15.52 -7.17
CA ASP B 11 12.06 -14.08 -7.36
C ASP B 11 10.74 -13.42 -7.77
N TYR B 12 10.05 -14.08 -8.69
CA TYR B 12 8.79 -13.53 -9.18
C TYR B 12 7.75 -13.45 -8.04
N LEU B 13 7.64 -14.52 -7.26
CA LEU B 13 6.72 -14.53 -6.14
C LEU B 13 7.03 -13.39 -5.16
N GLN B 14 8.31 -13.24 -4.82
CA GLN B 14 8.70 -12.23 -3.85
C GLN B 14 8.49 -10.84 -4.36
N THR B 15 8.60 -10.66 -5.67
CA THR B 15 8.37 -9.32 -6.26
C THR B 15 6.91 -8.96 -6.42
N TYR B 16 6.16 -9.89 -7.01
CA TYR B 16 4.80 -9.60 -7.44
C TYR B 16 3.71 -10.19 -6.57
N HIS B 17 4.07 -11.10 -5.65
CA HIS B 17 3.11 -11.72 -4.74
C HIS B 17 2.07 -12.55 -5.47
N LYS B 18 2.50 -13.18 -6.55
CA LYS B 18 1.65 -14.12 -7.30
C LYS B 18 2.62 -14.92 -8.18
N LEU B 19 2.10 -16.04 -8.67
CA LEU B 19 2.83 -16.88 -9.59
C LEU B 19 2.84 -16.26 -10.98
N PRO B 20 3.86 -16.57 -11.78
CA PRO B 20 3.91 -16.19 -13.20
C PRO B 20 2.68 -16.77 -13.96
N ASP B 21 2.48 -16.19 -15.15
N ASP B 21 2.37 -16.20 -15.12
CA ASP B 21 1.28 -16.42 -15.95
CA ASP B 21 1.09 -16.54 -15.73
C ASP B 21 1.20 -17.80 -16.60
C ASP B 21 1.09 -17.94 -16.36
N ASN B 22 2.25 -18.60 -16.43
CA ASN B 22 2.30 -19.97 -16.90
C ASN B 22 1.77 -20.99 -15.91
N TYR B 23 1.26 -20.53 -14.77
CA TYR B 23 0.69 -21.42 -13.77
C TYR B 23 -0.81 -21.43 -13.79
N ILE B 24 -1.36 -22.61 -13.55
CA ILE B 24 -2.78 -22.83 -13.31
C ILE B 24 -2.97 -23.78 -12.16
N THR B 25 -4.06 -23.61 -11.44
CA THR B 25 -4.34 -24.47 -10.32
C THR B 25 -4.76 -25.86 -10.73
N LYS B 26 -4.74 -26.80 -9.80
CA LYS B 26 -5.28 -28.13 -10.14
C LYS B 26 -6.70 -28.09 -10.63
N SER B 27 -7.54 -27.29 -9.99
CA SER B 27 -8.95 -27.25 -10.39
CA SER B 27 -8.95 -27.22 -10.38
C SER B 27 -9.08 -26.66 -11.79
N GLU B 28 -8.26 -25.64 -12.09
CA GLU B 28 -8.27 -25.04 -13.43
C GLU B 28 -7.81 -26.06 -14.46
N ALA B 29 -6.80 -26.82 -14.13
CA ALA B 29 -6.29 -27.83 -15.06
C ALA B 29 -7.35 -28.91 -15.29
N GLN B 30 -7.98 -29.37 -14.22
CA GLN B 30 -9.05 -30.36 -14.34
CA GLN B 30 -9.05 -30.37 -14.32
C GLN B 30 -10.16 -29.89 -15.23
N ALA B 31 -10.51 -28.61 -15.14
CA ALA B 31 -11.60 -28.08 -15.98
C ALA B 31 -11.22 -28.08 -17.46
N LEU B 32 -9.94 -28.05 -17.75
CA LEU B 32 -9.46 -28.12 -19.13
C LEU B 32 -9.30 -29.55 -19.66
N GLY B 33 -9.52 -30.53 -18.78
CA GLY B 33 -9.35 -31.93 -19.10
C GLY B 33 -8.17 -32.66 -18.53
N TRP B 34 -7.35 -32.01 -17.68
CA TRP B 34 -6.25 -32.69 -17.06
C TRP B 34 -6.80 -33.79 -16.14
N VAL B 35 -6.20 -34.98 -16.23
CA VAL B 35 -6.47 -36.07 -15.31
C VAL B 35 -5.14 -36.61 -14.83
N ALA B 36 -4.90 -36.64 -13.52
CA ALA B 36 -3.58 -37.07 -13.04
C ALA B 36 -3.06 -38.38 -13.70
N SER B 37 -3.85 -39.43 -13.75
CA SER B 37 -3.31 -40.68 -14.31
C SER B 37 -2.99 -40.66 -15.81
N LYS B 38 -3.28 -39.55 -16.49
CA LYS B 38 -3.16 -39.53 -17.92
C LYS B 38 -1.88 -38.81 -18.35
N GLY B 39 -1.26 -38.03 -17.48
CA GLY B 39 -0.06 -37.32 -17.86
C GLY B 39 -0.26 -36.30 -18.96
N ASN B 40 -1.45 -35.75 -19.03
CA ASN B 40 -1.88 -34.96 -20.20
C ASN B 40 -1.93 -33.43 -19.97
N LEU B 41 -1.25 -32.90 -18.95
CA LEU B 41 -1.36 -31.47 -18.68
C LEU B 41 -0.98 -30.61 -19.87
N ALA B 42 0.14 -30.90 -20.51
CA ALA B 42 0.63 -30.03 -21.54
C ALA B 42 -0.17 -30.20 -22.83
N ASP B 43 -0.94 -31.29 -22.93
CA ASP B 43 -1.86 -31.46 -24.04
C ASP B 43 -3.07 -30.56 -23.91
N VAL B 44 -3.63 -30.48 -22.70
CA VAL B 44 -4.85 -29.68 -22.47
C VAL B 44 -4.57 -28.23 -22.10
N ALA B 45 -3.33 -27.95 -21.69
CA ALA B 45 -2.91 -26.62 -21.23
C ALA B 45 -1.49 -26.36 -21.67
N PRO B 46 -1.27 -26.15 -22.97
CA PRO B 46 0.07 -26.02 -23.46
C PRO B 46 0.87 -24.95 -22.74
N GLY B 47 2.10 -25.27 -22.36
CA GLY B 47 2.97 -24.32 -21.72
C GLY B 47 2.70 -24.03 -20.25
N LYS B 48 1.68 -24.65 -19.68
N LYS B 48 1.66 -24.68 -19.72
CA LYS B 48 1.39 -24.35 -18.31
CA LYS B 48 1.23 -24.53 -18.31
C LYS B 48 2.01 -25.41 -17.41
C LYS B 48 1.78 -25.57 -17.34
N SER B 49 2.01 -25.06 -16.13
CA SER B 49 2.37 -25.92 -15.01
C SER B 49 1.30 -25.77 -13.90
N ILE B 50 1.12 -26.82 -13.09
N ILE B 50 1.10 -26.82 -13.10
CA ILE B 50 0.29 -26.79 -11.92
CA ILE B 50 0.20 -26.69 -11.96
C ILE B 50 0.93 -25.89 -10.87
C ILE B 50 0.85 -26.00 -10.78
N GLY B 51 0.16 -24.97 -10.31
CA GLY B 51 0.63 -24.22 -9.18
C GLY B 51 -0.43 -23.34 -8.58
N GLY B 52 -0.20 -22.95 -7.31
CA GLY B 52 -1.04 -22.04 -6.59
C GLY B 52 -1.94 -22.60 -5.54
N ASP B 53 -1.97 -23.93 -5.40
CA ASP B 53 -2.81 -24.55 -4.41
C ASP B 53 -2.23 -24.53 -3.02
N ILE B 54 -3.12 -24.59 -2.04
CA ILE B 54 -2.72 -24.72 -0.62
C ILE B 54 -1.99 -26.06 -0.42
N PHE B 55 -0.87 -25.96 0.29
CA PHE B 55 -0.12 -27.13 0.78
C PHE B 55 -0.43 -27.20 2.28
N SER B 56 -1.06 -28.29 2.70
CA SER B 56 -1.51 -28.42 4.08
C SER B 56 -0.38 -28.53 5.12
N ASN B 57 0.80 -28.96 4.73
CA ASN B 57 1.94 -29.05 5.64
C ASN B 57 1.62 -29.95 6.83
N ARG B 58 0.87 -31.02 6.57
CA ARG B 58 0.44 -31.95 7.61
CA ARG B 58 0.44 -31.92 7.64
C ARG B 58 1.59 -32.47 8.46
N GLU B 59 2.71 -32.79 7.83
CA GLU B 59 3.86 -33.36 8.54
C GLU B 59 4.65 -32.33 9.33
N GLY B 60 4.30 -31.04 9.20
CA GLY B 60 4.98 -30.01 9.97
C GLY B 60 6.43 -29.82 9.59
N LYS B 61 6.81 -30.21 8.38
CA LYS B 61 8.19 -30.08 8.00
C LYS B 61 8.55 -28.63 7.62
N LEU B 62 7.55 -27.85 7.26
CA LEU B 62 7.82 -26.42 7.03
C LEU B 62 7.39 -25.71 8.32
N PRO B 63 8.05 -24.59 8.63
CA PRO B 63 7.65 -23.88 9.84
C PRO B 63 6.30 -23.27 9.76
N GLY B 64 5.57 -23.38 10.86
CA GLY B 64 4.22 -22.87 10.93
C GLY B 64 4.12 -21.79 11.97
N LYS B 65 3.14 -20.93 11.78
CA LYS B 65 2.75 -19.97 12.82
C LYS B 65 1.31 -19.56 12.51
N SER B 66 0.67 -19.04 13.53
CA SER B 66 -0.69 -18.54 13.38
CA SER B 66 -0.70 -18.58 13.36
C SER B 66 -0.77 -17.54 12.23
N GLY B 67 -1.75 -17.73 11.35
CA GLY B 67 -2.02 -16.85 10.25
C GLY B 67 -1.20 -17.18 9.01
N ARG B 68 -0.25 -18.12 9.11
CA ARG B 68 0.57 -18.45 7.96
C ARG B 68 -0.01 -19.65 7.24
N THR B 69 -0.26 -19.49 5.95
CA THR B 69 -0.58 -20.57 5.07
C THR B 69 0.51 -20.80 4.08
N TRP B 70 0.59 -22.03 3.59
CA TRP B 70 1.57 -22.39 2.58
C TRP B 70 0.89 -22.75 1.28
N ARG B 71 1.53 -22.39 0.16
CA ARG B 71 1.06 -22.80 -1.17
C ARG B 71 2.20 -23.39 -1.90
N GLU B 72 1.91 -24.13 -2.98
CA GLU B 72 2.94 -24.84 -3.73
C GLU B 72 2.79 -24.56 -5.21
N ALA B 73 3.85 -24.78 -5.94
CA ALA B 73 3.81 -24.77 -7.40
C ALA B 73 4.82 -25.71 -7.98
N ASP B 74 4.50 -26.31 -9.13
CA ASP B 74 5.41 -27.23 -9.81
C ASP B 74 6.56 -26.49 -10.45
N ILE B 75 7.78 -27.03 -10.31
CA ILE B 75 8.99 -26.46 -10.85
C ILE B 75 9.60 -27.39 -11.89
N ASN B 76 10.21 -26.82 -12.92
CA ASN B 76 10.92 -27.58 -13.98
C ASN B 76 10.00 -28.49 -14.82
N TYR B 77 8.68 -28.21 -14.79
CA TYR B 77 7.72 -28.98 -15.60
C TYR B 77 7.67 -28.42 -17.01
N THR B 78 7.71 -29.33 -17.98
CA THR B 78 7.41 -28.93 -19.36
CA THR B 78 7.50 -29.00 -19.39
C THR B 78 6.28 -29.73 -19.99
N SER B 79 6.34 -31.05 -19.91
CA SER B 79 5.27 -31.88 -20.47
C SER B 79 5.31 -33.26 -19.85
N GLY B 80 4.22 -34.00 -20.04
CA GLY B 80 4.11 -35.33 -19.51
C GLY B 80 3.61 -35.40 -18.09
N PHE B 81 3.97 -36.45 -17.38
CA PHE B 81 3.58 -36.61 -16.01
C PHE B 81 4.34 -35.54 -15.19
N ARG B 82 3.75 -35.19 -14.07
CA ARG B 82 4.40 -34.24 -13.14
C ARG B 82 5.64 -34.87 -12.53
N ASN B 83 6.58 -33.99 -12.21
CA ASN B 83 7.87 -34.35 -11.62
C ASN B 83 7.78 -34.21 -10.09
N SER B 84 8.91 -34.29 -9.41
CA SER B 84 9.00 -34.28 -7.95
CA SER B 84 8.98 -34.27 -7.95
C SER B 84 9.45 -32.91 -7.37
N ASP B 85 9.51 -31.91 -8.23
CA ASP B 85 10.06 -30.57 -7.86
C ASP B 85 8.91 -29.58 -7.56
N ARG B 86 8.97 -28.95 -6.39
CA ARG B 86 7.97 -27.97 -6.01
C ARG B 86 8.61 -26.83 -5.29
N ILE B 87 8.05 -25.67 -5.53
CA ILE B 87 8.37 -24.48 -4.71
C ILE B 87 7.22 -24.28 -3.72
N LEU B 88 7.56 -23.95 -2.47
CA LEU B 88 6.63 -23.77 -1.39
C LEU B 88 6.79 -22.32 -0.91
N TYR B 89 5.67 -21.62 -0.83
CA TYR B 89 5.70 -20.21 -0.46
C TYR B 89 4.64 -19.93 0.54
N SER B 90 5.00 -19.13 1.55
CA SER B 90 4.06 -18.86 2.62
C SER B 90 3.39 -17.49 2.47
N SER B 91 2.36 -17.28 3.30
CA SER B 91 1.66 -16.04 3.21
C SER B 91 2.50 -14.80 3.65
N ASP B 92 3.58 -15.04 4.40
CA ASP B 92 4.56 -14.07 4.76
C ASP B 92 5.81 -14.13 3.89
N TRP B 93 5.73 -14.89 2.78
CA TRP B 93 6.73 -14.80 1.75
C TRP B 93 8.05 -15.46 2.05
N LEU B 94 8.02 -16.48 2.90
CA LEU B 94 9.13 -17.42 2.94
C LEU B 94 9.08 -18.28 1.69
N ILE B 95 10.24 -18.72 1.23
CA ILE B 95 10.29 -19.61 0.06
C ILE B 95 11.16 -20.82 0.42
N TYR B 96 10.58 -22.02 0.18
CA TYR B 96 11.27 -23.29 0.33
C TYR B 96 11.16 -24.05 -1.00
N LYS B 97 11.99 -25.08 -1.11
CA LYS B 97 11.89 -26.00 -2.22
C LYS B 97 11.91 -27.43 -1.74
N THR B 98 11.36 -28.30 -2.61
CA THR B 98 11.55 -29.71 -2.47
C THR B 98 11.83 -30.27 -3.84
N THR B 99 12.73 -31.25 -3.86
CA THR B 99 13.04 -32.00 -5.06
C THR B 99 12.72 -33.50 -4.93
N ASP B 100 12.04 -33.83 -3.84
CA ASP B 100 11.72 -35.22 -3.53
C ASP B 100 10.28 -35.44 -3.22
N ALA B 101 9.42 -34.63 -3.84
CA ALA B 101 7.99 -34.76 -3.67
C ALA B 101 7.64 -34.70 -2.20
N TYR B 102 8.05 -33.60 -1.56
CA TYR B 102 7.52 -33.21 -0.26
C TYR B 102 8.10 -33.95 0.91
N GLN B 103 9.12 -34.76 0.69
CA GLN B 103 9.68 -35.48 1.84
CA GLN B 103 9.70 -35.51 1.81
C GLN B 103 10.68 -34.64 2.64
N THR B 104 11.44 -33.80 1.96
CA THR B 104 12.37 -32.87 2.59
C THR B 104 12.27 -31.54 1.88
N PHE B 105 12.55 -30.47 2.62
CA PHE B 105 12.52 -29.13 2.10
C PHE B 105 13.81 -28.37 2.45
N THR B 106 14.15 -27.41 1.60
CA THR B 106 15.26 -26.53 1.80
C THR B 106 14.77 -25.10 1.73
N LYS B 107 15.13 -24.29 2.72
CA LYS B 107 14.78 -22.89 2.67
C LYS B 107 15.64 -22.21 1.62
N ILE B 108 15.02 -21.44 0.69
CA ILE B 108 15.75 -20.77 -0.36
C ILE B 108 15.59 -19.24 -0.39
N ARG B 109 14.65 -18.72 0.43
CA ARG B 109 14.62 -17.28 0.66
C ARG B 109 14.06 -17.01 2.04
N SER B 110 14.64 -16.02 2.74
CA SER B 110 14.02 -15.38 3.85
CA SER B 110 13.97 -15.45 3.86
C SER B 110 12.78 -14.63 3.44
N SER B 111 11.91 -14.32 4.41
CA SER B 111 10.81 -13.47 4.10
C SER B 111 11.22 -12.18 3.47
N SER B 112 10.59 -11.84 2.35
CA SER B 112 10.77 -10.57 1.68
C SER B 112 9.67 -9.55 2.01
N MET B 113 8.80 -9.93 2.95
CA MET B 113 7.65 -9.09 3.14
C MET B 113 8.08 -7.80 3.79
N GLY B 114 7.65 -6.71 3.15
CA GLY B 114 8.05 -5.39 3.54
C GLY B 114 9.30 -4.83 2.88
N VAL B 115 9.93 -5.59 1.98
CA VAL B 115 11.13 -5.18 1.34
C VAL B 115 10.82 -4.74 -0.11
N CYS B 116 11.33 -3.58 -0.51
CA CYS B 116 10.95 -2.97 -1.78
C CYS B 116 11.84 -3.44 -2.94
N PRO B 117 11.24 -4.10 -3.94
CA PRO B 117 11.99 -4.42 -5.14
C PRO B 117 12.48 -3.16 -5.89
N LYS B 118 13.69 -3.15 -6.41
CA LYS B 118 14.17 -2.02 -7.19
C LYS B 118 13.75 -2.15 -8.65
N ILE B 119 12.61 -1.56 -8.88
CA ILE B 119 12.06 -1.35 -10.22
C ILE B 119 11.53 0.06 -10.28
N LEU B 120 12.05 0.88 -11.18
CA LEU B 120 11.77 2.33 -11.19
C LEU B 120 10.33 2.54 -11.62
N LYS B 121 9.56 3.24 -10.78
CA LYS B 121 8.12 3.47 -11.01
C LYS B 121 7.69 4.80 -10.40
N LYS B 122 7.01 5.60 -11.19
CA LYS B 122 6.40 6.83 -10.72
CA LYS B 122 6.42 6.85 -10.73
C LYS B 122 5.20 6.57 -9.84
N CYS B 123 4.97 7.46 -8.90
CA CYS B 123 3.86 7.30 -7.97
C CYS B 123 3.33 8.65 -7.45
N ARG B 124 2.08 8.64 -7.03
CA ARG B 124 1.55 9.70 -6.15
CA ARG B 124 1.40 9.65 -6.23
CA ARG B 124 1.46 9.68 -6.19
C ARG B 124 1.17 9.22 -4.77
N ARG B 125 1.08 7.89 -4.59
CA ARG B 125 0.80 7.35 -3.28
C ARG B 125 1.33 5.93 -3.25
N ASP B 126 1.37 5.36 -2.05
CA ASP B 126 2.06 4.11 -1.85
C ASP B 126 1.45 2.98 -2.68
N SER B 127 0.14 3.03 -2.89
CA SER B 127 -0.53 1.97 -3.61
C SER B 127 -0.25 1.92 -5.09
N ASP B 128 0.44 2.94 -5.59
CA ASP B 128 0.93 2.91 -6.93
C ASP B 128 2.16 2.01 -7.09
N CYS B 129 2.71 1.55 -5.95
CA CYS B 129 3.97 0.86 -5.90
C CYS B 129 3.82 -0.60 -5.57
N LEU B 130 4.81 -1.37 -5.91
CA LEU B 130 4.84 -2.76 -5.50
C LEU B 130 4.77 -2.92 -4.00
N ALA B 131 4.43 -4.14 -3.59
CA ALA B 131 4.44 -4.46 -2.17
C ALA B 131 5.83 -4.24 -1.63
N GLY B 132 5.87 -3.68 -0.41
CA GLY B 132 7.09 -3.36 0.24
C GLY B 132 7.64 -1.99 -0.08
N CYS B 133 7.02 -1.31 -1.05
CA CYS B 133 7.48 -0.01 -1.48
C CYS B 133 6.50 1.08 -1.12
N VAL B 134 7.03 2.25 -0.89
CA VAL B 134 6.26 3.44 -0.60
C VAL B 134 6.61 4.53 -1.61
N CYS B 135 5.75 5.52 -1.72
CA CYS B 135 6.01 6.60 -2.64
C CYS B 135 6.85 7.66 -1.95
N GLY B 136 8.02 7.92 -2.46
CA GLY B 136 8.95 8.89 -1.89
C GLY B 136 8.55 10.29 -2.18
N PRO B 137 9.25 11.23 -1.51
CA PRO B 137 8.95 12.63 -1.76
C PRO B 137 9.16 13.12 -3.15
N ASN B 138 9.98 12.39 -3.91
CA ASN B 138 10.22 12.67 -5.27
C ASN B 138 9.23 12.11 -6.24
N GLY B 139 8.23 11.41 -5.75
CA GLY B 139 7.25 10.84 -6.65
C GLY B 139 7.69 9.56 -7.38
N PHE B 140 8.63 8.83 -6.78
CA PHE B 140 9.02 7.51 -7.26
C PHE B 140 8.95 6.53 -6.10
N CYS B 141 8.73 5.30 -6.46
CA CYS B 141 8.63 4.23 -5.45
C CYS B 141 9.99 3.84 -4.89
N GLY B 142 9.98 3.53 -3.60
CA GLY B 142 11.23 3.13 -2.99
C GLY B 142 10.97 2.55 -1.60
N SER B 143 12.05 2.19 -0.90
CA SER B 143 11.92 1.64 0.41
C SER B 143 11.29 2.57 1.41
O1 2PE C . 7.95 -0.04 17.60
C2 2PE C . 7.06 -1.10 17.11
C3 2PE C . 5.82 -0.51 16.46
O4 2PE C . 6.28 0.25 15.31
C5 2PE C . 5.26 1.01 14.73
C6 2PE C . 5.76 1.38 13.37
O7 2PE C . 6.70 2.39 13.62
C8 2PE C . 7.15 2.96 12.37
C9 2PE C . 8.37 3.89 12.58
O10 2PE C . 9.45 3.15 13.09
C11 2PE C . 10.61 3.96 13.36
C12 2PE C . 11.71 3.02 13.77
O13 2PE C . 11.34 2.38 14.99
C14 2PE C . 12.47 1.58 15.37
C15 2PE C . 11.95 0.71 16.50
O16 2PE C . 11.49 1.61 17.48
C17 2PE C . 10.98 0.93 18.65
C18 2PE C . 10.67 2.01 19.70
O19 2PE C . 9.43 2.69 19.49
C20 2PE C . 9.06 3.68 20.49
C21 2PE C . 9.04 5.10 19.89
O1 2PE D . -1.48 -10.33 15.09
C2 2PE D . -2.31 -9.90 14.00
C3 2PE D . -1.60 -9.04 12.97
O4 2PE D . -2.27 -8.94 11.68
C5 2PE D . -3.68 -8.79 11.76
C6 2PE D . -4.34 -8.56 10.40
O7 2PE D . -5.34 -7.54 10.46
C1 GOL E . 7.77 32.99 10.36
O1 GOL E . 8.35 31.93 9.60
C2 GOL E . 6.61 32.45 11.15
O2 GOL E . 5.62 33.43 11.45
C3 GOL E . 6.91 31.59 12.34
O3 GOL E . 5.82 31.72 13.27
C1 EDO F . -7.48 8.95 12.33
O1 EDO F . -8.85 8.99 11.89
C2 EDO F . -7.50 8.77 13.86
O2 EDO F . -7.40 10.01 14.58
C1 EDO G . 4.08 34.52 7.91
C1 EDO G . 3.97 34.06 6.44
O1 EDO G . 2.75 34.79 7.42
O1 EDO G . 2.72 34.75 6.51
C2 EDO G . 4.15 33.37 8.92
C2 EDO G . 4.59 33.98 7.81
O2 EDO G . 4.06 33.80 10.25
O2 EDO G . 4.31 32.66 8.26
C1 EDO H . 11.93 16.07 7.89
O1 EDO H . 12.15 17.45 7.46
C2 EDO H . 11.69 14.91 6.85
O2 EDO H . 10.77 14.04 7.57
O2 EDO H . 12.56 15.03 5.73
C1 EDO I . -5.64 37.81 12.96
O1 EDO I . -5.22 36.45 12.64
C2 EDO I . -7.12 38.12 12.78
O2 EDO I . -7.36 38.73 11.49
C FMT J . 3.00 28.55 16.76
O1 FMT J . 1.85 28.11 16.93
O2 FMT J . 3.91 27.88 16.20
C FMT K . -12.03 19.98 -4.24
O1 FMT K . -11.56 18.94 -4.74
O2 FMT K . -12.10 20.22 -3.00
S SO4 L . 10.02 21.74 -5.46
O1 SO4 L . 9.59 20.71 -4.48
O2 SO4 L . 8.95 22.68 -5.58
O3 SO4 L . 11.22 22.33 -4.89
O4 SO4 L . 10.35 21.20 -6.79
S SO4 M . -5.89 -2.30 14.25
O1 SO4 M . -6.43 -3.21 15.26
O2 SO4 M . -6.53 -2.60 12.96
O3 SO4 M . -6.22 -0.93 14.62
O4 SO4 M . -4.46 -2.39 14.41
S SO4 N . -11.75 32.78 1.27
O1 SO4 N . -12.31 34.00 1.84
O2 SO4 N . -10.35 32.54 1.76
O3 SO4 N . -12.56 31.64 1.64
O4 SO4 N . -11.78 32.93 -0.17
S SO4 O . -4.33 -6.58 -5.85
O1 SO4 O . -5.38 -6.94 -4.91
O2 SO4 O . -4.35 -5.12 -6.06
O3 SO4 O . -3.01 -6.93 -5.34
O4 SO4 O . -4.54 -7.29 -7.11
S SO4 P . -5.90 16.07 -3.93
O1 SO4 P . -5.64 16.90 -2.75
O2 SO4 P . -7.08 16.61 -4.60
O3 SO4 P . -4.73 16.03 -4.80
O4 SO4 P . -6.13 14.68 -3.52
S SO4 Q . -21.54 36.77 1.89
O1 SO4 Q . -20.18 37.02 1.48
O2 SO4 Q . -22.08 35.51 1.39
O3 SO4 Q . -21.42 36.68 3.35
O4 SO4 Q . -22.35 37.93 1.59
S SO4 R . -14.73 36.31 6.88
O1 SO4 R . -14.90 35.69 8.20
O2 SO4 R . -13.36 36.40 6.42
O3 SO4 R . -15.59 35.70 5.85
O4 SO4 R . -15.19 37.73 6.94
UNK UNX S . -0.64 -1.93 -1.60
UNK UNX T . -1.18 -2.89 -0.62
UNK UNX U . 0.56 -2.86 -1.91
UNK UNX V . 0.56 -4.24 -1.34
UNK UNX W . 1.04 -4.87 -0.09
UNK UNX X . 0.38 6.76 0.33
UNK UNX Y . -0.80 5.91 0.78
UNK UNX Z . -0.93 4.64 1.44
UNK UNX AA . -1.58 3.58 0.46
UNK UNX BA . -2.91 3.24 0.45
UNK UNX CA . -1.54 4.31 -0.76
UNK UNX DA . -0.93 2.07 0.55
UNK UNX EA . 0.00 0.92 -0.18
UNK UNX FA . -0.08 -0.36 -1.24
UNK UNX GA . -1.58 -1.69 -2.57
S SO4 HA . -2.85 9.48 -0.13
O1 SO4 HA . -2.95 10.54 -1.14
O2 SO4 HA . -1.47 9.19 0.10
O3 SO4 HA . -3.51 9.97 1.12
O4 SO4 HA . -3.46 8.26 -0.63
O1 2PE IA . 16.81 -5.26 -0.83
O1 2PE IA . 17.23 -4.53 -2.04
C2 2PE IA . 16.23 -4.08 -1.55
C2 2PE IA . 16.85 -4.52 -0.66
C3 2PE IA . 15.88 -2.86 -0.65
C3 2PE IA . 16.15 -3.21 -0.27
O4 2PE IA . 16.92 -1.86 -0.76
O4 2PE IA . 16.90 -2.08 -0.71
C5 2PE IA . 18.27 -2.26 -0.39
C6 2PE IA . 18.99 -0.98 0.03
O7 2PE IA . 19.26 -0.22 -1.14
C8 2PE IA . 20.11 0.93 -0.82
C9 2PE IA . 20.44 1.47 -2.20
O10 2PE IA . 19.34 2.24 -2.73
C11 2PE IA . 19.71 2.97 -3.94
C12 2PE IA . 18.43 3.74 -4.35
O13 2PE IA . 17.39 2.90 -4.77
C14 2PE IA . 16.26 3.66 -5.30
C15 2PE IA . 15.23 2.72 -5.82
O16 2PE IA . 14.64 1.97 -4.70
O1 2PE JA . 7.61 -0.74 -9.39
C2 2PE JA . 6.27 -0.96 -9.92
C3 2PE JA . 6.38 -1.84 -11.14
C3 2PE JA . 6.43 -1.36 -11.35
O4 2PE JA . 5.13 -2.51 -11.40
O4 2PE JA . 6.70 -2.74 -11.43
C5 2PE JA . 5.38 -3.88 -11.73
C5 2PE JA . 6.84 -3.11 -12.79
C6 2PE JA . 4.13 -4.59 -12.21
C6 2PE JA . 6.95 -4.62 -12.80
O7 2PE JA . 3.10 -4.67 -11.20
O7 2PE JA . 8.11 -5.01 -13.48
O1 MES KA . 6.83 -37.15 -7.55
C2 MES KA . 5.59 -36.41 -7.49
C3 MES KA . 4.79 -36.38 -8.80
N4 MES KA . 4.88 -37.67 -9.50
C5 MES KA . 5.34 -38.78 -8.66
C6 MES KA . 6.72 -38.46 -8.07
C7 MES KA . 3.82 -37.93 -10.52
C8 MES KA . 2.41 -37.41 -10.20
S MES KA . 1.39 -37.69 -11.50
O1S MES KA . 0.02 -37.70 -11.01
O2S MES KA . 1.69 -39.06 -12.00
O3S MES KA . 1.49 -36.59 -12.51
C1 EDO LA . 3.30 -8.83 -13.47
O1 EDO LA . 2.47 -7.82 -12.86
C2 EDO LA . 4.52 -8.21 -14.12
O2 EDO LA . 5.30 -9.23 -14.78
C1 EDO MA . 15.46 -29.42 -1.41
O1 EDO MA . 16.02 -29.98 -2.68
C2 EDO MA . 15.14 -30.87 -0.87
O2 EDO MA . 14.06 -31.83 -1.32
C1 EDO NA . -3.94 -16.48 1.99
O1 EDO NA . -3.51 -16.72 0.64
C2 EDO NA . -2.93 -15.54 2.59
O2 EDO NA . -3.23 -15.18 3.97
C1 EDO OA . 10.02 -36.48 -14.18
O1 EDO OA . 10.86 -35.52 -14.83
C2 EDO OA . 8.77 -36.68 -15.03
O2 EDO OA . 7.71 -37.20 -14.22
C1 EDO PA . 13.10 -9.95 -4.96
C1 EDO PA . 12.72 -8.26 -3.29
O1 EDO PA . 12.76 -11.13 -5.72
O1 EDO PA . 12.03 -9.21 -4.09
C2 EDO PA . 13.30 -10.32 -3.49
C2 EDO PA . 11.79 -7.71 -2.21
O2 EDO PA . 13.50 -9.18 -2.63
O2 EDO PA . 10.41 -7.96 -2.50
C1 EDO QA . 19.06 -27.84 -2.77
O1 EDO QA . 19.15 -27.75 -4.22
C2 EDO QA . 19.84 -29.07 -2.32
O2 EDO QA . 20.00 -29.12 -0.90
S SO4 RA . 10.24 -19.12 10.92
O1 SO4 RA . 8.88 -19.71 11.17
O2 SO4 RA . 10.19 -18.00 9.98
O3 SO4 RA . 10.88 -18.66 12.20
O4 SO4 RA . 11.16 -19.99 10.15
S SO4 SA . 5.86 4.64 -14.83
O1 SO4 SA . 4.46 4.73 -14.32
O2 SO4 SA . 5.98 5.58 -15.96
O3 SO4 SA . 6.90 4.98 -13.92
O4 SO4 SA . 6.13 3.28 -15.37
S SO4 TA . -1.24 -33.63 -5.37
O1 SO4 TA . -2.13 -33.01 -4.39
O2 SO4 TA . -1.83 -33.46 -6.68
O3 SO4 TA . 0.09 -33.02 -5.26
O4 SO4 TA . -1.07 -35.04 -5.00
S SO4 UA . -8.04 6.66 0.54
O1 SO4 UA . -9.18 7.18 1.26
O2 SO4 UA . -6.82 6.90 1.34
O3 SO4 UA . -8.18 5.23 0.29
O4 SO4 UA . -7.96 7.35 -0.75
S SO4 VA . 0.06 -36.30 -13.83
O1 SO4 VA . -0.55 -36.47 -12.50
O2 SO4 VA . 1.50 -36.45 -13.59
O3 SO4 VA . -0.40 -37.38 -14.62
O4 SO4 VA . -0.19 -35.05 -14.45
S SO4 WA . -7.85 -21.46 -2.21
O1 SO4 WA . -7.59 -20.18 -1.58
O2 SO4 WA . -6.72 -21.80 -3.07
O3 SO4 WA . -8.01 -22.52 -1.21
O4 SO4 WA . -9.05 -21.39 -3.05
S SO4 XA . 1.06 -11.81 6.99
O1 SO4 XA . 1.54 -12.89 7.86
O2 SO4 XA . 1.42 -12.16 5.62
O3 SO4 XA . -0.38 -11.78 6.81
O4 SO4 XA . 1.62 -10.52 7.49
S SO4 YA . 0.86 -13.18 10.38
O1 SO4 YA . -0.17 -12.91 11.41
O2 SO4 YA . 2.20 -12.90 10.85
O3 SO4 YA . 0.79 -14.61 10.02
O4 SO4 YA . 0.66 -12.26 9.26
S SO4 ZA . -5.40 2.07 -1.66
O1 SO4 ZA . -6.86 2.04 -1.49
O2 SO4 ZA . -4.85 2.41 -0.36
O3 SO4 ZA . -4.98 0.76 -2.14
O4 SO4 ZA . -5.07 3.14 -2.61
C FMT AB . 18.88 -24.74 -9.26
O1 FMT AB . 19.26 -24.33 -8.13
O2 FMT AB . 17.68 -24.62 -9.57
O2 FMT AB . 18.42 -25.88 -9.39
#